data_3EOP
#
_entry.id   3EOP
#
_cell.length_a   51.258
_cell.length_b   51.258
_cell.length_c   122.400
_cell.angle_alpha   90.000
_cell.angle_beta   90.000
_cell.angle_gamma   120.000
#
_symmetry.space_group_name_H-M   'P 31'
#
loop_
_entity.id
_entity.type
_entity.pdbx_description
1 polymer 'Thymocyte nuclear protein 1'
2 non-polymer 'SULFATE ION'
3 water water
#
_entity_poly.entity_id   1
_entity_poly.type   'polypeptide(L)'
_entity_poly.pdbx_seq_one_letter_code
;MSHWLMKSEPESRLEKGVDVKFSIEDLKAQPKQTTCWDGVRNYQARNFLRAMKLGEEAFFYHSNCKEPGIAGLMKIVKEA
YPDHTQFEKNNPHYDPSSKEDNPKWSMVDVQFVRMMKRFIPLAELKSYHQAHKATGGPLKNMVLFTRQRLSIQPLTQEEF
DFVLSLEELEHHHHHH
;
_entity_poly.pdbx_strand_id   A,B
#
# COMPACT_ATOMS: atom_id res chain seq x y z
N SER A 2 18.59 22.15 -6.64
CA SER A 2 17.93 20.81 -6.63
C SER A 2 16.53 20.87 -6.03
N HIS A 3 15.65 20.05 -6.58
CA HIS A 3 14.27 19.95 -6.12
C HIS A 3 14.01 18.47 -5.85
N TRP A 4 13.17 18.17 -4.86
CA TRP A 4 12.92 16.78 -4.55
C TRP A 4 11.47 16.38 -4.32
N LEU A 5 11.26 15.07 -4.32
CA LEU A 5 9.98 14.43 -4.11
C LEU A 5 10.23 13.36 -3.04
N MET A 6 9.48 13.42 -1.95
CA MET A 6 9.68 12.45 -0.88
C MET A 6 8.39 11.73 -0.51
N LYS A 7 8.41 10.41 -0.61
CA LYS A 7 7.26 9.57 -0.32
C LYS A 7 7.17 9.12 1.13
N SER A 8 5.95 8.94 1.62
CA SER A 8 5.69 8.50 2.98
C SER A 8 4.25 7.97 3.08
N GLU A 9 4.01 7.12 4.07
CA GLU A 9 2.70 6.51 4.25
C GLU A 9 1.65 7.42 4.87
N PRO A 10 0.62 7.78 4.08
CA PRO A 10 -0.42 8.65 4.64
C PRO A 10 -1.32 7.88 5.61
N GLU A 11 -1.81 6.73 5.19
CA GLU A 11 -2.68 5.93 6.04
C GLU A 11 -1.95 4.78 6.73
N SER A 12 -2.45 4.39 7.90
CA SER A 12 -1.88 3.33 8.72
C SER A 12 -1.58 2.02 7.99
N ARG A 13 -0.46 1.40 8.36
CA ARG A 13 -0.04 0.12 7.79
C ARG A 13 1.11 -0.45 8.62
N LEU A 14 0.94 -1.67 9.09
CA LEU A 14 1.97 -2.32 9.90
C LEU A 14 3.03 -2.97 9.02
N GLU A 15 4.28 -2.91 9.46
CA GLU A 15 5.38 -3.53 8.74
C GLU A 15 5.79 -4.73 9.59
N LYS A 16 7.01 -4.72 10.12
CA LYS A 16 7.46 -5.82 10.96
C LYS A 16 6.77 -5.64 12.31
N GLY A 17 5.45 -5.54 12.27
CA GLY A 17 4.68 -5.35 13.48
C GLY A 17 4.49 -3.88 13.81
N VAL A 18 5.35 -3.03 13.27
CA VAL A 18 5.30 -1.59 13.53
C VAL A 18 4.58 -0.77 12.44
N ASP A 19 3.82 0.22 12.89
CA ASP A 19 3.07 1.10 12.00
C ASP A 19 3.99 2.20 11.46
N VAL A 20 4.01 2.36 10.15
CA VAL A 20 4.85 3.36 9.49
C VAL A 20 4.07 4.58 9.01
N LYS A 21 2.82 4.71 9.45
CA LYS A 21 1.97 5.83 9.05
C LYS A 21 2.59 7.20 9.35
N PHE A 22 2.32 8.14 8.46
CA PHE A 22 2.81 9.52 8.58
C PHE A 22 2.44 10.28 7.31
N SER A 23 1.34 11.01 7.36
CA SER A 23 0.89 11.79 6.22
C SER A 23 1.44 13.19 6.36
N ILE A 24 0.94 14.10 5.52
CA ILE A 24 1.39 15.48 5.54
C ILE A 24 0.86 16.18 6.79
N GLU A 25 -0.31 15.74 7.26
CA GLU A 25 -0.92 16.34 8.44
C GLU A 25 -0.10 16.07 9.71
N ASP A 26 0.49 14.87 9.78
CA ASP A 26 1.30 14.48 10.93
C ASP A 26 2.58 15.30 11.01
N LEU A 27 2.95 15.91 9.90
CA LEU A 27 4.15 16.73 9.85
C LEU A 27 3.78 18.12 10.38
N LYS A 28 2.62 18.59 9.94
CA LYS A 28 2.09 19.88 10.37
C LYS A 28 1.89 19.81 11.88
N ALA A 29 1.40 18.65 12.35
CA ALA A 29 1.15 18.42 13.77
C ALA A 29 2.42 18.22 14.59
N GLN A 30 3.58 18.42 13.96
CA GLN A 30 4.85 18.28 14.64
C GLN A 30 5.31 19.63 15.17
N PRO A 31 6.06 19.65 16.29
CA PRO A 31 6.52 20.92 16.82
C PRO A 31 7.32 21.63 15.73
N LYS A 32 6.95 22.87 15.44
CA LYS A 32 7.61 23.64 14.39
C LYS A 32 7.40 22.94 13.04
N GLN A 33 6.44 22.03 13.01
CA GLN A 33 6.09 21.29 11.81
C GLN A 33 7.33 20.68 11.18
N THR A 34 8.20 20.14 12.04
CA THR A 34 9.43 19.53 11.58
C THR A 34 9.50 18.09 12.04
N THR A 35 10.29 17.29 11.33
CA THR A 35 10.49 15.89 11.66
C THR A 35 11.75 15.37 10.98
N CYS A 36 12.19 14.20 11.43
CA CYS A 36 13.35 13.53 10.87
C CYS A 36 12.81 12.47 9.93
N TRP A 37 13.17 12.55 8.65
CA TRP A 37 12.69 11.59 7.66
C TRP A 37 13.49 10.29 7.74
N ASP A 38 13.13 9.45 8.71
CA ASP A 38 13.79 8.18 8.96
C ASP A 38 13.30 7.10 8.01
N GLY A 39 13.90 5.92 8.12
CA GLY A 39 13.48 4.80 7.31
C GLY A 39 14.21 4.42 6.04
N VAL A 40 14.53 5.41 5.22
CA VAL A 40 15.21 5.17 3.95
C VAL A 40 16.36 4.16 3.98
N ARG A 41 16.21 3.08 3.23
CA ARG A 41 17.22 2.04 3.17
C ARG A 41 17.64 1.73 1.73
N ASN A 42 17.24 2.59 0.80
CA ASN A 42 17.60 2.42 -0.61
C ASN A 42 18.85 3.25 -0.94
N TYR A 43 19.95 2.58 -1.24
CA TYR A 43 21.22 3.23 -1.56
C TYR A 43 21.04 4.42 -2.49
N GLN A 44 20.36 4.24 -3.61
CA GLN A 44 20.14 5.37 -4.50
C GLN A 44 19.31 6.46 -3.80
N ALA A 45 18.44 6.07 -2.87
CA ALA A 45 17.62 7.03 -2.14
C ALA A 45 18.48 7.73 -1.09
N ARG A 46 19.34 6.94 -0.43
CA ARG A 46 20.24 7.43 0.59
C ARG A 46 21.15 8.50 -0.02
N ASN A 47 21.85 8.15 -1.10
CA ASN A 47 22.76 9.10 -1.72
C ASN A 47 22.11 10.40 -2.17
N PHE A 48 20.78 10.41 -2.29
CA PHE A 48 20.11 11.66 -2.66
C PHE A 48 19.94 12.48 -1.38
N LEU A 49 19.57 11.78 -0.30
CA LEU A 49 19.41 12.43 1.01
C LEU A 49 20.71 13.11 1.41
N ARG A 50 21.82 12.47 1.04
CA ARG A 50 23.14 12.99 1.36
C ARG A 50 23.48 14.21 0.52
N ALA A 51 22.93 14.27 -0.68
CA ALA A 51 23.19 15.37 -1.59
C ALA A 51 22.26 16.57 -1.44
N MET A 52 21.26 16.47 -0.56
CA MET A 52 20.32 17.59 -0.38
C MET A 52 20.95 18.77 0.36
N LYS A 53 20.61 19.98 -0.07
CA LYS A 53 21.13 21.17 0.58
C LYS A 53 20.05 21.89 1.38
N LEU A 54 20.48 22.56 2.44
CA LEU A 54 19.57 23.31 3.30
C LEU A 54 18.84 24.31 2.43
N GLY A 55 17.52 24.42 2.60
CA GLY A 55 16.75 25.38 1.82
C GLY A 55 16.02 24.81 0.64
N GLU A 56 16.65 23.87 -0.06
CA GLU A 56 16.02 23.25 -1.22
C GLU A 56 14.64 22.77 -0.78
N GLU A 57 13.71 22.71 -1.72
CA GLU A 57 12.36 22.28 -1.39
C GLU A 57 12.08 20.86 -1.84
N ALA A 58 11.02 20.27 -1.30
CA ALA A 58 10.62 18.91 -1.62
C ALA A 58 9.13 18.68 -1.48
N PHE A 59 8.51 18.13 -2.52
CA PHE A 59 7.08 17.84 -2.46
C PHE A 59 6.85 16.67 -1.52
N PHE A 60 5.86 16.80 -0.64
CA PHE A 60 5.53 15.72 0.28
C PHE A 60 4.54 14.80 -0.45
N TYR A 61 5.02 13.64 -0.87
CA TYR A 61 4.22 12.66 -1.59
C TYR A 61 3.58 11.59 -0.69
N HIS A 62 2.28 11.36 -0.89
CA HIS A 62 1.58 10.34 -0.10
C HIS A 62 1.57 9.07 -0.94
N SER A 63 2.23 8.03 -0.42
CA SER A 63 2.29 6.76 -1.12
C SER A 63 1.15 5.93 -0.56
N ASN A 64 -0.05 6.20 -1.06
CA ASN A 64 -1.25 5.51 -0.62
C ASN A 64 -1.73 4.62 -1.76
N CYS A 65 -2.63 3.69 -1.43
CA CYS A 65 -3.18 2.76 -2.44
C CYS A 65 -4.47 3.34 -3.02
N LYS A 66 -5.36 3.82 -2.16
CA LYS A 66 -6.61 4.41 -2.61
C LYS A 66 -6.46 5.80 -3.23
N GLU A 67 -5.54 6.60 -2.71
CA GLU A 67 -5.34 7.95 -3.23
C GLU A 67 -3.91 8.47 -3.22
N PRO A 68 -3.02 7.92 -4.06
CA PRO A 68 -1.64 8.39 -4.08
C PRO A 68 -1.54 9.76 -4.74
N GLY A 69 -0.56 10.55 -4.32
CA GLY A 69 -0.39 11.88 -4.89
C GLY A 69 0.39 12.85 -4.02
N ILE A 70 0.49 14.09 -4.50
CA ILE A 70 1.22 15.13 -3.79
C ILE A 70 0.25 16.08 -3.09
N ALA A 71 0.29 16.06 -1.76
CA ALA A 71 -0.60 16.88 -0.95
C ALA A 71 -0.03 18.23 -0.52
N GLY A 72 1.30 18.34 -0.43
CA GLY A 72 1.88 19.61 -0.01
C GLY A 72 3.38 19.78 -0.21
N LEU A 73 3.90 20.89 0.30
CA LEU A 73 5.32 21.18 0.15
C LEU A 73 6.02 21.38 1.49
N MET A 74 7.28 20.99 1.56
CA MET A 74 8.08 21.13 2.78
C MET A 74 9.52 21.49 2.40
N LYS A 75 10.34 21.86 3.38
CA LYS A 75 11.71 22.23 3.09
C LYS A 75 12.75 21.57 3.99
N ILE A 76 13.97 21.45 3.46
CA ILE A 76 15.08 20.87 4.20
C ILE A 76 15.74 21.92 5.09
N VAL A 77 15.70 21.69 6.40
CA VAL A 77 16.29 22.62 7.36
C VAL A 77 17.50 21.97 8.03
N LYS A 78 17.71 20.68 7.78
CA LYS A 78 18.85 19.96 8.34
C LYS A 78 19.40 18.90 7.41
N GLU A 79 20.68 19.04 7.08
CA GLU A 79 21.38 18.14 6.19
C GLU A 79 21.66 16.77 6.81
N ALA A 80 21.79 15.78 5.94
CA ALA A 80 22.02 14.41 6.32
C ALA A 80 22.88 14.22 7.57
N TYR A 81 22.57 13.14 8.28
CA TYR A 81 23.26 12.70 9.47
C TYR A 81 22.75 11.29 9.70
N PRO A 82 23.29 10.56 10.67
CA PRO A 82 22.85 9.19 10.94
C PRO A 82 21.38 8.97 11.28
N ASP A 83 20.81 7.89 10.74
CA ASP A 83 19.43 7.53 11.02
C ASP A 83 19.52 6.72 12.31
N HIS A 84 18.95 7.25 13.39
CA HIS A 84 19.02 6.55 14.68
C HIS A 84 18.33 5.18 14.70
N THR A 85 17.32 4.99 13.87
CA THR A 85 16.58 3.72 13.82
C THR A 85 17.30 2.52 13.18
N GLN A 86 18.38 2.77 12.45
CA GLN A 86 19.09 1.68 11.79
C GLN A 86 19.78 0.83 12.84
N PHE A 87 19.97 1.43 14.02
CA PHE A 87 20.62 0.74 15.12
C PHE A 87 19.65 0.13 16.11
N GLU A 88 18.53 0.79 16.35
CA GLU A 88 17.53 0.30 17.29
C GLU A 88 16.96 -1.05 16.83
N LYS A 89 17.59 -2.13 17.27
CA LYS A 89 17.19 -3.51 16.93
C LYS A 89 15.68 -3.69 16.95
N ASN A 90 15.02 -2.80 17.67
CA ASN A 90 13.57 -2.81 17.80
C ASN A 90 12.91 -2.49 16.45
N ASN A 91 13.10 -1.26 15.97
CA ASN A 91 12.53 -0.79 14.72
C ASN A 91 12.63 -1.77 13.55
N PRO A 92 11.65 -1.72 12.62
CA PRO A 92 11.61 -2.59 11.45
C PRO A 92 12.64 -2.24 10.38
N HIS A 93 13.36 -1.14 10.60
CA HIS A 93 14.40 -0.69 9.66
C HIS A 93 15.79 -0.91 10.24
N TYR A 94 15.85 -1.68 11.32
CA TYR A 94 17.10 -2.00 11.99
C TYR A 94 18.02 -2.68 10.99
N ASP A 95 19.33 -2.47 11.14
CA ASP A 95 20.28 -3.09 10.24
C ASP A 95 21.53 -3.51 11.00
N PRO A 96 21.78 -4.83 11.07
CA PRO A 96 22.94 -5.41 11.76
C PRO A 96 24.27 -5.02 11.12
N SER A 97 24.26 -4.85 9.79
CA SER A 97 25.48 -4.49 9.08
C SER A 97 25.91 -3.04 9.25
N SER A 98 25.12 -2.26 10.00
CA SER A 98 25.47 -0.86 10.22
C SER A 98 26.25 -0.60 11.50
N LYS A 99 27.40 0.04 11.35
CA LYS A 99 28.27 0.37 12.46
C LYS A 99 27.94 1.76 13.00
N GLU A 100 27.94 1.91 14.32
CA GLU A 100 27.69 3.22 14.91
C GLU A 100 28.89 4.10 14.57
N ASP A 101 30.03 3.43 14.41
CA ASP A 101 31.31 4.06 14.07
C ASP A 101 31.25 4.77 12.72
N ASN A 102 30.41 4.26 11.82
CA ASN A 102 30.27 4.84 10.49
C ASN A 102 28.98 4.29 9.84
N PRO A 103 27.82 4.76 10.29
CA PRO A 103 26.53 4.33 9.76
C PRO A 103 26.41 4.30 8.25
N LYS A 104 25.63 3.35 7.76
CA LYS A 104 25.41 3.19 6.33
C LYS A 104 24.16 3.98 5.94
N TRP A 105 23.24 4.14 6.90
CA TRP A 105 21.99 4.84 6.64
C TRP A 105 21.91 6.25 7.22
N SER A 106 21.34 7.16 6.44
CA SER A 106 21.26 8.55 6.85
C SER A 106 19.83 9.08 6.79
N MET A 107 19.60 10.31 7.23
CA MET A 107 18.28 10.94 7.19
C MET A 107 18.44 12.45 7.20
N VAL A 108 17.34 13.18 7.01
CA VAL A 108 17.37 14.64 7.02
C VAL A 108 16.15 15.18 7.76
N ASP A 109 16.14 16.49 7.99
CA ASP A 109 15.03 17.14 8.68
C ASP A 109 14.29 18.11 7.75
N VAL A 110 12.98 17.89 7.60
CA VAL A 110 12.15 18.74 6.77
C VAL A 110 11.18 19.53 7.65
N GLN A 111 10.80 20.71 7.18
CA GLN A 111 9.85 21.55 7.89
C GLN A 111 8.68 21.80 6.95
N PHE A 112 7.47 21.88 7.51
CA PHE A 112 6.30 22.15 6.69
C PHE A 112 6.35 23.58 6.16
N VAL A 113 5.86 23.78 4.95
CA VAL A 113 5.84 25.10 4.32
C VAL A 113 4.39 25.47 3.99
N ARG A 114 3.74 24.63 3.20
CA ARG A 114 2.35 24.85 2.84
C ARG A 114 1.83 23.60 2.15
N MET A 115 0.55 23.59 1.85
CA MET A 115 -0.07 22.48 1.16
C MET A 115 -0.20 22.96 -0.27
N MET A 116 -0.49 22.05 -1.19
CA MET A 116 -0.68 22.43 -2.58
C MET A 116 -1.98 23.23 -2.60
N LYS A 117 -2.11 24.16 -3.54
CA LYS A 117 -3.33 24.96 -3.61
C LYS A 117 -4.49 24.00 -3.86
N ARG A 118 -4.16 22.74 -4.09
CA ARG A 118 -5.13 21.69 -4.34
C ARG A 118 -4.36 20.38 -4.53
N PHE A 119 -4.88 19.29 -3.95
CA PHE A 119 -4.24 17.99 -4.04
C PHE A 119 -3.99 17.55 -5.48
N ILE A 120 -2.89 16.84 -5.71
CA ILE A 120 -2.56 16.36 -7.05
C ILE A 120 -2.46 14.83 -7.03
N PRO A 121 -3.42 14.15 -7.69
CA PRO A 121 -3.48 12.69 -7.76
C PRO A 121 -2.42 12.06 -8.66
N LEU A 122 -1.94 10.89 -8.27
CA LEU A 122 -0.93 10.18 -9.05
C LEU A 122 -1.52 9.93 -10.44
N ALA A 123 -2.84 9.87 -10.51
CA ALA A 123 -3.56 9.66 -11.77
C ALA A 123 -3.38 10.86 -12.67
N GLU A 124 -3.45 12.07 -12.09
CA GLU A 124 -3.29 13.30 -12.85
C GLU A 124 -1.84 13.37 -13.34
N LEU A 125 -0.92 12.98 -12.47
CA LEU A 125 0.48 13.00 -12.83
C LEU A 125 0.82 12.00 -13.94
N LYS A 126 0.18 10.83 -13.92
CA LYS A 126 0.46 9.82 -14.93
C LYS A 126 -0.01 10.22 -16.34
N SER A 127 -1.22 10.75 -16.45
CA SER A 127 -1.76 11.16 -17.74
C SER A 127 -0.86 12.19 -18.44
N TYR A 128 -0.60 13.32 -17.78
CA TYR A 128 0.26 14.34 -18.37
C TYR A 128 1.62 13.74 -18.71
N HIS A 129 2.18 13.00 -17.75
CA HIS A 129 3.45 12.31 -17.95
C HIS A 129 3.38 11.50 -19.24
N GLN A 130 2.38 10.63 -19.33
CA GLN A 130 2.20 9.78 -20.51
C GLN A 130 2.01 10.64 -21.75
N ALA A 131 1.25 11.72 -21.59
CA ALA A 131 0.97 12.65 -22.69
C ALA A 131 2.29 13.20 -23.20
N HIS A 132 3.05 13.84 -22.33
CA HIS A 132 4.34 14.43 -22.69
C HIS A 132 5.23 13.34 -23.31
N LYS A 133 4.98 12.09 -22.92
CA LYS A 133 5.74 10.95 -23.40
C LYS A 133 5.37 10.57 -24.84
N ALA A 134 4.70 11.48 -25.54
CA ALA A 134 4.29 11.23 -26.91
C ALA A 134 4.26 12.53 -27.71
N THR A 135 4.19 13.64 -27.00
CA THR A 135 4.16 14.94 -27.65
C THR A 135 5.51 15.59 -27.36
N GLY A 136 6.00 15.36 -26.15
CA GLY A 136 7.26 15.91 -25.72
C GLY A 136 6.99 17.00 -24.69
N GLY A 137 7.09 16.63 -23.41
CA GLY A 137 6.84 17.60 -22.36
C GLY A 137 7.77 17.47 -21.17
N PRO A 138 7.63 18.36 -20.17
CA PRO A 138 8.44 18.41 -18.93
C PRO A 138 8.32 17.22 -17.98
N LEU A 139 7.34 16.36 -18.19
CA LEU A 139 7.19 15.19 -17.32
C LEU A 139 7.48 13.90 -18.09
N LYS A 140 8.19 14.04 -19.19
CA LYS A 140 8.56 12.91 -20.03
C LYS A 140 9.47 11.94 -19.28
N ASN A 141 10.36 12.46 -18.47
CA ASN A 141 11.30 11.61 -17.75
C ASN A 141 11.24 11.69 -16.21
N MET A 142 10.14 12.20 -15.67
CA MET A 142 9.98 12.32 -14.22
C MET A 142 10.31 11.00 -13.52
N VAL A 143 11.10 11.09 -12.46
CA VAL A 143 11.50 9.90 -11.70
C VAL A 143 10.29 9.16 -11.14
N LEU A 144 9.31 9.91 -10.66
CA LEU A 144 8.12 9.31 -10.10
C LEU A 144 7.60 8.18 -10.99
N PHE A 145 7.77 8.33 -12.30
CA PHE A 145 7.33 7.31 -13.24
C PHE A 145 8.49 6.52 -13.82
N THR A 146 9.70 7.04 -13.64
CA THR A 146 10.90 6.37 -14.13
C THR A 146 11.35 5.31 -13.13
N ARG A 147 11.38 5.67 -11.85
CA ARG A 147 11.75 4.75 -10.79
C ARG A 147 10.51 4.42 -9.97
N GLN A 148 9.92 3.28 -10.27
CA GLN A 148 8.71 2.84 -9.60
C GLN A 148 8.91 2.54 -8.12
N ARG A 149 10.17 2.40 -7.70
CA ARG A 149 10.47 2.07 -6.31
C ARG A 149 11.54 2.93 -5.62
N LEU A 150 11.55 4.23 -5.93
CA LEU A 150 12.51 5.14 -5.29
C LEU A 150 11.71 6.07 -4.39
N SER A 151 12.06 6.12 -3.11
CA SER A 151 11.34 6.95 -2.14
C SER A 151 11.80 8.40 -2.06
N ILE A 152 13.00 8.66 -2.59
CA ILE A 152 13.57 10.01 -2.59
C ILE A 152 14.00 10.27 -4.01
N GLN A 153 13.46 11.32 -4.61
CA GLN A 153 13.78 11.61 -6.00
C GLN A 153 14.03 13.09 -6.34
N PRO A 154 14.98 13.35 -7.25
CA PRO A 154 15.35 14.67 -7.71
C PRO A 154 14.45 15.05 -8.88
N LEU A 155 14.13 16.33 -9.02
CA LEU A 155 13.31 16.81 -10.12
C LEU A 155 13.94 18.04 -10.74
N THR A 156 13.92 18.10 -12.07
CA THR A 156 14.47 19.24 -12.78
C THR A 156 13.47 20.38 -12.61
N GLN A 157 13.98 21.62 -12.63
CA GLN A 157 13.15 22.81 -12.50
C GLN A 157 11.91 22.71 -13.38
N GLU A 158 12.10 22.11 -14.55
CA GLU A 158 11.02 21.92 -15.50
C GLU A 158 9.86 21.15 -14.89
N GLU A 159 10.14 19.93 -14.41
CA GLU A 159 9.12 19.09 -13.80
C GLU A 159 8.44 19.80 -12.62
N PHE A 160 9.28 20.41 -11.77
CA PHE A 160 8.85 21.14 -10.58
C PHE A 160 7.91 22.27 -10.96
N ASP A 161 8.26 22.99 -12.03
CA ASP A 161 7.45 24.10 -12.51
C ASP A 161 6.09 23.64 -13.03
N PHE A 162 6.03 22.43 -13.57
CA PHE A 162 4.79 21.87 -14.10
C PHE A 162 3.88 21.35 -12.98
N VAL A 163 4.49 20.82 -11.93
CA VAL A 163 3.74 20.31 -10.78
C VAL A 163 3.07 21.48 -10.09
N LEU A 164 3.79 22.60 -10.01
CA LEU A 164 3.28 23.81 -9.39
C LEU A 164 2.21 24.47 -10.26
N SER A 165 2.29 24.28 -11.57
CA SER A 165 1.32 24.85 -12.50
C SER A 165 -0.01 24.14 -12.44
N LEU A 166 0.01 22.84 -12.19
CA LEU A 166 -1.22 22.06 -12.10
C LEU A 166 -1.94 22.46 -10.81
N GLU A 167 -1.21 23.14 -9.94
CA GLU A 167 -1.72 23.60 -8.65
C GLU A 167 -2.59 24.84 -8.81
N GLU A 168 -2.35 25.60 -9.87
CA GLU A 168 -3.13 26.80 -10.11
C GLU A 168 -4.32 26.55 -11.03
N LEU A 169 -4.55 25.28 -11.35
CA LEU A 169 -5.67 24.89 -12.20
C LEU A 169 -6.74 24.25 -11.30
N GLU A 170 -7.98 24.24 -11.76
CA GLU A 170 -9.07 23.66 -10.98
C GLU A 170 -9.33 22.23 -11.41
N SER B 2 -19.78 -21.40 5.31
CA SER B 2 -19.66 -19.92 5.13
C SER B 2 -19.04 -19.55 3.78
N HIS B 3 -19.30 -18.33 3.33
CA HIS B 3 -18.77 -17.83 2.06
C HIS B 3 -17.75 -16.73 2.37
N TRP B 4 -16.74 -16.56 1.53
CA TRP B 4 -15.72 -15.55 1.81
C TRP B 4 -15.23 -14.68 0.66
N LEU B 5 -14.46 -13.67 1.05
CA LEU B 5 -13.82 -12.70 0.17
C LEU B 5 -12.47 -12.46 0.83
N MET B 6 -11.38 -12.65 0.08
CA MET B 6 -10.05 -12.46 0.63
C MET B 6 -9.23 -11.45 -0.18
N LYS B 7 -8.91 -10.32 0.44
CA LYS B 7 -8.13 -9.28 -0.21
C LYS B 7 -6.67 -9.63 -0.42
N SER B 8 -6.22 -9.54 -1.67
CA SER B 8 -4.82 -9.82 -1.99
C SER B 8 -4.06 -8.61 -1.47
N GLU B 9 -2.73 -8.65 -1.51
CA GLU B 9 -1.91 -7.54 -1.03
C GLU B 9 -2.11 -6.24 -1.83
N PRO B 10 -2.16 -5.10 -1.13
CA PRO B 10 -2.34 -3.77 -1.75
C PRO B 10 -1.10 -3.29 -2.50
N ASP B 19 8.01 -6.61 -3.91
CA ASP B 19 6.97 -6.70 -4.93
C ASP B 19 5.79 -7.57 -4.48
N VAL B 20 4.77 -6.93 -3.90
CA VAL B 20 3.59 -7.63 -3.43
C VAL B 20 2.63 -7.87 -4.59
N LYS B 21 3.20 -8.14 -5.76
CA LYS B 21 2.45 -8.40 -6.99
C LYS B 21 1.85 -9.80 -6.94
N PHE B 22 0.52 -9.88 -6.93
CA PHE B 22 -0.16 -11.18 -6.86
C PHE B 22 -1.62 -11.05 -7.30
N SER B 23 -2.02 -11.87 -8.26
CA SER B 23 -3.40 -11.84 -8.74
C SER B 23 -3.88 -13.22 -9.16
N ILE B 24 -5.15 -13.30 -9.53
CA ILE B 24 -5.77 -14.56 -9.96
C ILE B 24 -4.90 -15.33 -10.95
N GLU B 25 -4.23 -14.60 -11.84
CA GLU B 25 -3.37 -15.24 -12.84
C GLU B 25 -2.13 -15.89 -12.23
N ASP B 26 -1.57 -15.26 -11.21
CA ASP B 26 -0.41 -15.84 -10.56
C ASP B 26 -0.90 -17.08 -9.81
N LEU B 27 -2.10 -16.99 -9.25
CA LEU B 27 -2.71 -18.11 -8.51
C LEU B 27 -2.78 -19.36 -9.37
N LYS B 28 -3.48 -19.25 -10.49
CA LYS B 28 -3.65 -20.35 -11.43
C LYS B 28 -2.32 -20.79 -12.01
N ALA B 29 -1.32 -19.91 -11.92
CA ALA B 29 0.01 -20.19 -12.43
C ALA B 29 0.77 -21.16 -11.52
N GLN B 30 0.49 -21.05 -10.22
CA GLN B 30 1.13 -21.90 -9.23
C GLN B 30 0.78 -23.35 -9.51
N PRO B 31 1.70 -24.28 -9.21
CA PRO B 31 1.46 -25.71 -9.45
C PRO B 31 0.19 -26.20 -8.76
N LYS B 32 -0.77 -26.64 -9.58
CA LYS B 32 -2.06 -27.12 -9.11
C LYS B 32 -2.94 -25.93 -8.74
N GLN B 33 -2.62 -24.79 -9.33
CA GLN B 33 -3.37 -23.55 -9.11
C GLN B 33 -3.64 -23.32 -7.63
N THR B 34 -2.65 -23.65 -6.81
CA THR B 34 -2.77 -23.51 -5.35
C THR B 34 -1.62 -22.70 -4.78
N THR B 35 -1.87 -22.10 -3.63
CA THR B 35 -0.86 -21.30 -2.94
C THR B 35 -1.31 -21.03 -1.50
N CYS B 36 -0.35 -20.68 -0.64
CA CYS B 36 -0.69 -20.40 0.75
C CYS B 36 -1.04 -18.92 0.90
N TRP B 37 -2.13 -18.64 1.59
CA TRP B 37 -2.57 -17.27 1.79
C TRP B 37 -1.94 -16.68 3.05
N ASP B 38 -0.63 -16.45 2.98
CA ASP B 38 0.16 -15.90 4.08
C ASP B 38 0.14 -14.39 4.17
N GLY B 39 0.73 -13.86 5.25
CA GLY B 39 0.83 -12.42 5.44
C GLY B 39 -0.30 -11.69 6.16
N VAL B 40 -1.25 -12.43 6.73
CA VAL B 40 -2.36 -11.81 7.45
C VAL B 40 -1.99 -11.50 8.89
N ARG B 41 -2.03 -10.21 9.24
CA ARG B 41 -1.66 -9.76 10.58
C ARG B 41 -2.76 -9.05 11.37
N ASN B 42 -4.00 -9.38 11.08
CA ASN B 42 -5.16 -8.80 11.78
C ASN B 42 -5.82 -9.94 12.56
N TYR B 43 -6.23 -9.66 13.80
CA TYR B 43 -6.85 -10.70 14.62
C TYR B 43 -8.23 -11.14 14.15
N GLN B 44 -9.10 -10.19 13.85
CA GLN B 44 -10.44 -10.53 13.38
C GLN B 44 -10.28 -11.35 12.10
N ALA B 45 -9.42 -10.87 11.21
CA ALA B 45 -9.15 -11.56 9.96
C ALA B 45 -8.55 -12.95 10.22
N ARG B 46 -7.61 -13.02 11.16
CA ARG B 46 -6.97 -14.30 11.49
C ARG B 46 -7.98 -15.32 11.96
N ASN B 47 -8.87 -14.90 12.85
CA ASN B 47 -9.86 -15.82 13.37
C ASN B 47 -10.81 -16.29 12.29
N PHE B 48 -11.16 -15.41 11.36
CA PHE B 48 -12.02 -15.83 10.26
C PHE B 48 -11.26 -16.93 9.53
N LEU B 49 -9.99 -16.67 9.22
CA LEU B 49 -9.16 -17.66 8.56
C LEU B 49 -9.28 -18.96 9.33
N ARG B 50 -9.07 -18.87 10.64
CA ARG B 50 -9.16 -20.03 11.50
C ARG B 50 -10.57 -20.63 11.55
N ALA B 51 -11.56 -19.87 11.09
CA ALA B 51 -12.92 -20.38 11.11
C ALA B 51 -13.28 -21.02 9.77
N MET B 52 -12.41 -20.85 8.78
CA MET B 52 -12.63 -21.42 7.44
C MET B 52 -12.59 -22.96 7.43
N LYS B 53 -13.42 -23.56 6.57
CA LYS B 53 -13.50 -25.02 6.47
C LYS B 53 -13.33 -25.54 5.04
N LEU B 54 -12.66 -26.70 4.92
CA LEU B 54 -12.40 -27.32 3.62
C LEU B 54 -13.62 -27.38 2.70
N GLY B 55 -13.42 -26.95 1.45
CA GLY B 55 -14.49 -26.96 0.47
C GLY B 55 -15.15 -25.62 0.24
N GLU B 56 -15.11 -24.76 1.27
CA GLU B 56 -15.73 -23.44 1.15
C GLU B 56 -15.02 -22.63 0.07
N GLU B 57 -15.78 -21.78 -0.61
CA GLU B 57 -15.22 -20.94 -1.65
C GLU B 57 -15.04 -19.51 -1.16
N ALA B 58 -14.21 -18.76 -1.85
CA ALA B 58 -13.96 -17.38 -1.50
C ALA B 58 -13.69 -16.55 -2.74
N PHE B 59 -14.22 -15.33 -2.76
CA PHE B 59 -14.00 -14.45 -3.88
C PHE B 59 -12.56 -13.97 -3.74
N PHE B 60 -11.87 -13.88 -4.87
CA PHE B 60 -10.49 -13.41 -4.87
C PHE B 60 -10.56 -11.94 -5.22
N TYR B 61 -10.17 -11.09 -4.28
CA TYR B 61 -10.19 -9.65 -4.49
C TYR B 61 -8.79 -9.14 -4.79
N HIS B 62 -8.65 -8.53 -5.96
CA HIS B 62 -7.37 -7.99 -6.42
C HIS B 62 -7.20 -6.56 -5.90
N SER B 63 -6.40 -6.42 -4.83
CA SER B 63 -6.15 -5.11 -4.24
C SER B 63 -5.38 -4.16 -5.15
N ASN B 64 -5.50 -4.37 -6.46
CA ASN B 64 -4.83 -3.52 -7.44
C ASN B 64 -5.28 -2.09 -7.13
N CYS B 65 -4.37 -1.28 -6.62
CA CYS B 65 -4.68 0.10 -6.26
C CYS B 65 -5.25 0.95 -7.38
N LYS B 66 -5.20 0.45 -8.61
CA LYS B 66 -5.73 1.17 -9.76
C LYS B 66 -7.12 0.70 -10.17
N GLU B 67 -7.26 -0.58 -10.48
CA GLU B 67 -8.56 -1.13 -10.88
C GLU B 67 -8.87 -2.39 -10.06
N PRO B 68 -9.01 -2.24 -8.74
CA PRO B 68 -9.31 -3.35 -7.83
C PRO B 68 -10.69 -4.00 -8.01
N GLY B 69 -10.86 -5.15 -7.36
CA GLY B 69 -12.14 -5.83 -7.45
C GLY B 69 -12.04 -7.32 -7.47
N ILE B 70 -13.20 -7.95 -7.61
CA ILE B 70 -13.35 -9.40 -7.64
C ILE B 70 -12.99 -9.94 -9.01
N ALA B 71 -11.96 -10.77 -9.06
CA ALA B 71 -11.49 -11.36 -10.31
C ALA B 71 -11.85 -12.84 -10.51
N GLY B 72 -12.07 -13.57 -9.41
CA GLY B 72 -12.42 -14.98 -9.52
C GLY B 72 -12.78 -15.69 -8.23
N LEU B 73 -12.93 -17.01 -8.29
CA LEU B 73 -13.29 -17.84 -7.14
C LEU B 73 -12.21 -18.85 -6.77
N MET B 74 -12.28 -19.32 -5.54
CA MET B 74 -11.31 -20.30 -5.06
C MET B 74 -11.84 -20.94 -3.78
N LYS B 75 -11.45 -22.18 -3.54
CA LYS B 75 -11.89 -22.90 -2.36
C LYS B 75 -10.76 -23.13 -1.38
N ILE B 76 -11.13 -23.61 -0.19
CA ILE B 76 -10.15 -23.89 0.85
C ILE B 76 -9.73 -25.35 0.79
N VAL B 77 -8.46 -25.57 0.44
CA VAL B 77 -7.91 -26.92 0.31
C VAL B 77 -6.94 -27.30 1.44
N LYS B 78 -7.03 -26.60 2.56
CA LYS B 78 -6.18 -26.89 3.71
C LYS B 78 -6.50 -25.88 4.80
N GLU B 79 -7.03 -26.38 5.91
CA GLU B 79 -7.41 -25.53 7.03
C GLU B 79 -6.20 -24.71 7.52
N ALA B 80 -6.48 -23.80 8.45
CA ALA B 80 -5.45 -22.93 8.99
C ALA B 80 -4.27 -23.63 9.67
N TYR B 81 -3.08 -23.10 9.39
CA TYR B 81 -1.84 -23.60 9.95
C TYR B 81 -0.85 -22.42 9.99
N PRO B 82 0.10 -22.44 10.94
CA PRO B 82 1.11 -21.39 11.12
C PRO B 82 1.71 -20.78 9.84
N ASP B 83 1.91 -19.46 9.87
CA ASP B 83 2.49 -18.73 8.73
C ASP B 83 3.96 -18.42 8.96
N HIS B 84 4.83 -19.28 8.40
CA HIS B 84 6.28 -19.17 8.53
C HIS B 84 6.84 -17.75 8.45
N THR B 85 6.33 -16.95 7.53
CA THR B 85 6.80 -15.59 7.36
C THR B 85 6.84 -14.79 8.65
N GLN B 86 6.05 -15.20 9.64
CA GLN B 86 6.01 -14.49 10.91
C GLN B 86 7.31 -14.66 11.70
N PHE B 87 8.15 -15.60 11.31
CA PHE B 87 9.40 -15.81 12.03
C PHE B 87 10.63 -15.38 11.23
N GLU B 88 10.40 -14.90 10.00
CA GLU B 88 11.48 -14.46 9.11
C GLU B 88 11.75 -12.95 9.25
N LYS B 89 12.80 -12.60 10.00
CA LYS B 89 13.16 -11.20 10.20
C LYS B 89 13.22 -10.41 8.89
N ASN B 90 13.68 -11.06 7.83
CA ASN B 90 13.79 -10.43 6.52
C ASN B 90 12.47 -10.28 5.78
N ASN B 91 11.36 -10.61 6.44
CA ASN B 91 10.06 -10.50 5.80
C ASN B 91 9.30 -9.32 6.39
N PRO B 92 8.55 -8.60 5.54
CA PRO B 92 7.77 -7.44 6.01
C PRO B 92 6.74 -7.83 7.08
N HIS B 93 6.24 -9.06 6.99
CA HIS B 93 5.25 -9.56 7.95
C HIS B 93 5.91 -10.33 9.09
N TYR B 94 7.15 -9.97 9.42
CA TYR B 94 7.84 -10.60 10.52
C TYR B 94 7.14 -10.12 11.79
N ASP B 95 7.07 -10.97 12.80
CA ASP B 95 6.44 -10.60 14.05
C ASP B 95 7.31 -11.10 15.19
N PRO B 96 8.16 -10.21 15.74
CA PRO B 96 9.09 -10.47 16.84
C PRO B 96 8.43 -10.96 18.13
N SER B 97 7.13 -10.74 18.25
CA SER B 97 6.40 -11.14 19.45
C SER B 97 5.83 -12.55 19.44
N SER B 98 5.72 -13.14 18.24
CA SER B 98 5.19 -14.50 18.14
C SER B 98 6.22 -15.58 18.45
N LYS B 99 5.77 -16.65 19.11
CA LYS B 99 6.68 -17.74 19.44
C LYS B 99 6.36 -18.99 18.65
N GLU B 100 7.39 -19.63 18.11
CA GLU B 100 7.21 -20.84 17.33
C GLU B 100 6.51 -21.92 18.15
N ASP B 101 6.52 -21.77 19.47
CA ASP B 101 5.86 -22.73 20.36
C ASP B 101 4.37 -22.74 20.11
N ASN B 102 3.84 -21.58 19.74
CA ASN B 102 2.42 -21.44 19.48
C ASN B 102 2.20 -20.14 18.68
N PRO B 103 2.66 -20.12 17.42
CA PRO B 103 2.55 -18.96 16.54
C PRO B 103 1.23 -18.20 16.67
N LYS B 104 1.34 -16.87 16.70
CA LYS B 104 0.18 -16.01 16.81
C LYS B 104 -0.60 -16.01 15.51
N TRP B 105 0.11 -16.10 14.39
CA TRP B 105 -0.53 -16.07 13.09
C TRP B 105 -0.58 -17.40 12.34
N SER B 106 -1.67 -17.58 11.59
CA SER B 106 -1.91 -18.78 10.81
C SER B 106 -2.21 -18.42 9.36
N MET B 107 -2.45 -19.43 8.53
CA MET B 107 -2.77 -19.19 7.14
C MET B 107 -3.50 -20.40 6.59
N VAL B 108 -4.00 -20.27 5.36
CA VAL B 108 -4.71 -21.37 4.72
C VAL B 108 -4.16 -21.53 3.31
N ASP B 109 -4.59 -22.60 2.65
CA ASP B 109 -4.19 -22.88 1.28
C ASP B 109 -5.41 -22.73 0.39
N VAL B 110 -5.31 -21.83 -0.59
CA VAL B 110 -6.40 -21.58 -1.51
C VAL B 110 -6.09 -22.10 -2.91
N GLN B 111 -7.08 -22.75 -3.51
CA GLN B 111 -6.91 -23.27 -4.86
C GLN B 111 -7.93 -22.67 -5.82
N PHE B 112 -7.42 -22.14 -6.93
CA PHE B 112 -8.28 -21.54 -7.95
C PHE B 112 -9.42 -22.47 -8.34
N VAL B 113 -10.54 -21.89 -8.74
CA VAL B 113 -11.69 -22.68 -9.16
C VAL B 113 -12.13 -22.21 -10.54
N ARG B 114 -12.56 -20.96 -10.64
CA ARG B 114 -12.97 -20.42 -11.92
C ARG B 114 -12.79 -18.91 -11.95
N MET B 115 -12.78 -18.36 -13.15
CA MET B 115 -12.64 -16.93 -13.33
C MET B 115 -14.02 -16.31 -13.29
N MET B 116 -14.10 -15.03 -12.94
CA MET B 116 -15.40 -14.37 -12.93
C MET B 116 -15.69 -14.15 -14.42
N LYS B 117 -16.88 -14.56 -14.86
CA LYS B 117 -17.29 -14.41 -16.25
C LYS B 117 -16.93 -13.00 -16.77
N ARG B 118 -16.76 -12.08 -15.83
CA ARG B 118 -16.42 -10.70 -16.12
C ARG B 118 -15.85 -10.11 -14.82
N PHE B 119 -14.88 -9.21 -14.94
CA PHE B 119 -14.28 -8.60 -13.76
C PHE B 119 -15.27 -7.67 -13.08
N ILE B 120 -15.41 -7.81 -11.76
CA ILE B 120 -16.34 -6.98 -11.00
C ILE B 120 -15.61 -5.86 -10.28
N PRO B 121 -15.62 -4.65 -10.87
CA PRO B 121 -14.97 -3.46 -10.33
C PRO B 121 -15.48 -3.03 -8.96
N LEU B 122 -14.59 -2.46 -8.14
CA LEU B 122 -14.93 -1.99 -6.81
C LEU B 122 -15.99 -0.90 -6.93
N ALA B 123 -15.79 0.01 -7.87
CA ALA B 123 -16.71 1.10 -8.13
C ALA B 123 -18.13 0.57 -8.29
N GLU B 124 -18.28 -0.48 -9.07
CA GLU B 124 -19.58 -1.10 -9.31
C GLU B 124 -20.15 -1.56 -7.98
N LEU B 125 -19.35 -2.33 -7.24
CA LEU B 125 -19.77 -2.83 -5.94
C LEU B 125 -20.23 -1.70 -5.03
N LYS B 126 -19.50 -0.59 -5.07
CA LYS B 126 -19.80 0.56 -4.24
C LYS B 126 -21.09 1.24 -4.66
N SER B 127 -21.44 1.16 -5.95
CA SER B 127 -22.66 1.80 -6.42
C SER B 127 -23.87 1.07 -5.87
N TYR B 128 -23.92 -0.24 -6.04
CA TYR B 128 -25.04 -1.02 -5.54
C TYR B 128 -25.10 -0.88 -4.02
N HIS B 129 -23.93 -0.88 -3.39
CA HIS B 129 -23.83 -0.74 -1.95
C HIS B 129 -24.52 0.52 -1.47
N GLN B 130 -24.14 1.66 -2.03
CA GLN B 130 -24.71 2.93 -1.66
C GLN B 130 -26.20 2.93 -2.01
N ALA B 131 -26.55 2.27 -3.10
CA ALA B 131 -27.94 2.19 -3.52
C ALA B 131 -28.74 1.42 -2.47
N HIS B 132 -28.25 0.23 -2.11
CA HIS B 132 -28.92 -0.63 -1.14
C HIS B 132 -28.86 -0.07 0.28
N LYS B 133 -27.91 0.82 0.52
CA LYS B 133 -27.79 1.42 1.84
C LYS B 133 -28.92 2.44 1.93
N ALA B 134 -29.17 3.12 0.81
CA ALA B 134 -30.22 4.12 0.73
C ALA B 134 -31.58 3.44 0.86
N THR B 135 -31.73 2.31 0.19
CA THR B 135 -32.98 1.56 0.20
C THR B 135 -32.78 0.11 0.66
N GLY B 136 -33.31 -0.82 -0.12
CA GLY B 136 -33.18 -2.23 0.22
C GLY B 136 -32.34 -2.97 -0.81
N GLY B 137 -31.35 -3.73 -0.32
CA GLY B 137 -30.50 -4.48 -1.23
C GLY B 137 -29.52 -5.38 -0.50
N PRO B 138 -29.19 -6.55 -1.08
CA PRO B 138 -28.25 -7.51 -0.48
C PRO B 138 -26.81 -7.02 -0.30
N LEU B 139 -26.63 -5.71 -0.22
CA LEU B 139 -25.28 -5.16 -0.03
C LEU B 139 -25.28 -3.98 0.94
N LYS B 140 -26.42 -3.72 1.55
CA LYS B 140 -26.54 -2.62 2.50
C LYS B 140 -25.46 -2.69 3.58
N ASN B 141 -25.14 -3.91 4.02
CA ASN B 141 -24.14 -4.09 5.05
C ASN B 141 -22.98 -4.99 4.61
N MET B 142 -22.65 -4.97 3.33
CA MET B 142 -21.55 -5.80 2.86
C MET B 142 -20.27 -5.42 3.61
N VAL B 143 -19.64 -6.43 4.21
CA VAL B 143 -18.42 -6.21 4.96
C VAL B 143 -17.34 -5.50 4.15
N LEU B 144 -17.33 -5.75 2.83
CA LEU B 144 -16.35 -5.13 1.95
C LEU B 144 -16.29 -3.63 2.13
N PHE B 145 -17.40 -3.03 2.52
CA PHE B 145 -17.45 -1.58 2.68
C PHE B 145 -17.52 -1.07 4.11
N THR B 146 -18.21 -1.78 4.98
CA THR B 146 -18.32 -1.37 6.37
C THR B 146 -16.97 -1.49 7.09
N ARG B 147 -16.19 -2.50 6.71
CA ARG B 147 -14.90 -2.76 7.33
C ARG B 147 -13.73 -2.64 6.36
N GLN B 148 -13.28 -1.42 6.12
CA GLN B 148 -12.18 -1.15 5.20
C GLN B 148 -10.82 -1.66 5.69
N ARG B 149 -10.79 -2.31 6.85
CA ARG B 149 -9.52 -2.82 7.36
C ARG B 149 -9.41 -4.34 7.30
N LEU B 150 -10.56 -5.02 7.29
CA LEU B 150 -10.59 -6.48 7.26
C LEU B 150 -10.17 -7.03 5.89
N SER B 151 -9.05 -7.75 5.85
CA SER B 151 -8.59 -8.34 4.58
C SER B 151 -9.21 -9.71 4.36
N ILE B 152 -9.86 -10.21 5.40
CA ILE B 152 -10.53 -11.51 5.35
C ILE B 152 -11.92 -11.32 5.94
N GLN B 153 -12.93 -11.29 5.09
CA GLN B 153 -14.30 -11.05 5.53
C GLN B 153 -15.28 -12.15 5.14
N PRO B 154 -16.31 -12.38 5.99
CA PRO B 154 -17.33 -13.40 5.75
C PRO B 154 -18.45 -12.75 4.93
N LEU B 155 -19.09 -13.52 4.06
CA LEU B 155 -20.17 -12.97 3.25
C LEU B 155 -21.49 -13.65 3.51
N THR B 156 -22.57 -12.86 3.44
CA THR B 156 -23.91 -13.37 3.65
C THR B 156 -24.32 -14.10 2.37
N GLN B 157 -25.32 -14.97 2.48
CA GLN B 157 -25.80 -15.71 1.31
C GLN B 157 -26.24 -14.73 0.22
N GLU B 158 -27.08 -13.76 0.58
CA GLU B 158 -27.55 -12.73 -0.35
C GLU B 158 -26.35 -12.12 -1.06
N GLU B 159 -25.48 -11.50 -0.27
CA GLU B 159 -24.29 -10.86 -0.78
C GLU B 159 -23.61 -11.80 -1.78
N PHE B 160 -23.36 -13.03 -1.35
CA PHE B 160 -22.72 -14.01 -2.21
C PHE B 160 -23.53 -14.24 -3.48
N ASP B 161 -24.80 -14.57 -3.34
CA ASP B 161 -25.64 -14.81 -4.51
C ASP B 161 -25.69 -13.60 -5.43
N PHE B 162 -25.85 -12.41 -4.83
CA PHE B 162 -25.93 -11.19 -5.62
C PHE B 162 -24.68 -10.92 -6.43
N VAL B 163 -23.51 -11.12 -5.81
CA VAL B 163 -22.25 -10.89 -6.52
C VAL B 163 -22.17 -11.78 -7.76
N LEU B 164 -22.67 -13.01 -7.64
CA LEU B 164 -22.65 -13.95 -8.76
C LEU B 164 -23.56 -13.49 -9.89
N SER B 165 -24.67 -12.83 -9.54
CA SER B 165 -25.61 -12.35 -10.56
C SER B 165 -25.01 -11.23 -11.39
N LEU B 166 -24.23 -10.35 -10.76
CA LEU B 166 -23.57 -9.26 -11.43
C LEU B 166 -22.74 -9.83 -12.57
N GLU B 167 -21.96 -10.85 -12.23
CA GLU B 167 -21.10 -11.54 -13.18
C GLU B 167 -21.87 -11.82 -14.46
N GLU B 168 -23.14 -12.20 -14.33
CA GLU B 168 -23.97 -12.49 -15.49
C GLU B 168 -24.36 -11.26 -16.30
N LEU B 169 -24.43 -10.10 -15.66
CA LEU B 169 -24.81 -8.89 -16.37
C LEU B 169 -23.76 -8.52 -17.41
N GLU B 170 -23.97 -8.99 -18.64
CA GLU B 170 -23.03 -8.71 -19.71
C GLU B 170 -23.25 -7.28 -20.17
#